data_1S56
#
_entry.id   1S56
#
_cell.length_a   44.321
_cell.length_b   61.959
_cell.length_c   90.747
_cell.angle_alpha   90.00
_cell.angle_beta   90.00
_cell.angle_gamma   90.00
#
_symmetry.space_group_name_H-M   'P 21 21 21'
#
loop_
_entity.id
_entity.type
_entity.pdbx_description
1 polymer 'Hemoglobin-like protein HbN'
2 non-polymer 'CYANIDE ION'
3 non-polymer 'POTASSIUM ION'
4 non-polymer 'HEME C'
5 non-polymer XENON
6 non-polymer 'PHOSPHATE ION'
7 non-polymer 'PROTOPORPHYRIN IX CONTAINING FE'
8 water water
#
_entity_poly.entity_id   1
_entity_poly.type   'polypeptide(L)'
_entity_poly.pdbx_seq_one_letter_code
;MGLLSRLRKREPISIYDKIGGHEAIEVVVEDFYVRVLADDQLSAFFSGTNMSRLKGKQVEFFAAALGGPEPYTGAPMKQV
HQGRGITMHHFSLVAGHLADALTAAGVPSETITEILGVIAPLAVDVTSGESTTAPV
;
_entity_poly.pdbx_strand_id   A,B
#
loop_
_chem_comp.id
_chem_comp.type
_chem_comp.name
_chem_comp.formula
CYN non-polymer 'CYANIDE ION' 'C N -1'
HEC non-polymer 'HEME C' 'C34 H34 Fe N4 O4'
HEM non-polymer 'PROTOPORPHYRIN IX CONTAINING FE' 'C34 H32 Fe N4 O4'
K non-polymer 'POTASSIUM ION' 'K 1'
PO4 non-polymer 'PHOSPHATE ION' 'O4 P -3'
XE non-polymer XENON Xe
#
# COMPACT_ATOMS: atom_id res chain seq x y z
N GLY A 2 -13.26 -4.10 27.65
CA GLY A 2 -11.91 -3.60 28.06
C GLY A 2 -10.81 -4.66 27.92
N LEU A 3 -9.74 -4.30 27.24
CA LEU A 3 -8.59 -5.19 27.10
C LEU A 3 -8.18 -5.71 28.48
N LEU A 4 -7.83 -4.77 29.35
CA LEU A 4 -7.30 -5.16 30.65
C LEU A 4 -8.26 -6.07 31.40
N SER A 5 -9.55 -5.74 31.37
CA SER A 5 -10.57 -6.54 32.03
C SER A 5 -10.72 -7.91 31.37
N ARG A 6 -10.61 -7.96 30.05
CA ARG A 6 -10.66 -9.21 29.32
C ARG A 6 -9.52 -10.16 29.71
N LEU A 7 -8.32 -9.59 29.89
CA LEU A 7 -7.15 -10.37 30.28
C LEU A 7 -7.25 -10.79 31.74
N ARG A 8 -7.99 -10.00 32.53
CA ARG A 8 -8.30 -10.33 33.91
C ARG A 8 -9.20 -11.56 33.99
N LYS A 9 -9.96 -11.79 32.92
CA LYS A 9 -10.88 -12.92 32.89
C LYS A 9 -10.21 -14.06 32.13
N ARG A 10 -8.97 -13.84 31.73
CA ARG A 10 -8.17 -14.87 31.06
C ARG A 10 -8.73 -15.21 29.68
N GLU A 11 -9.34 -14.23 29.01
CA GLU A 11 -9.84 -14.44 27.65
C GLU A 11 -8.76 -14.07 26.64
N PRO A 12 -8.73 -14.80 25.52
CA PRO A 12 -7.69 -14.62 24.49
C PRO A 12 -7.83 -13.30 23.78
N ILE A 13 -6.67 -12.71 23.46
CA ILE A 13 -6.63 -11.42 22.80
C ILE A 13 -7.30 -11.49 21.44
N SER A 14 -8.22 -10.55 21.22
CA SER A 14 -8.95 -10.45 19.98
C SER A 14 -8.11 -9.77 18.90
N ILE A 15 -8.44 -10.04 17.64
CA ILE A 15 -7.86 -9.30 16.54
C ILE A 15 -8.02 -7.79 16.80
N TYR A 16 -9.22 -7.37 17.16
CA TYR A 16 -9.54 -5.98 17.53
C TYR A 16 -8.49 -5.35 18.48
N ASP A 17 -8.13 -6.06 19.54
CA ASP A 17 -7.17 -5.55 20.54
C ASP A 17 -5.79 -5.49 19.96
N LYS A 18 -5.38 -6.59 19.33
CA LYS A 18 -3.98 -6.74 18.94
C LYS A 18 -3.56 -5.74 17.89
N ILE A 19 -4.52 -5.17 17.18
CA ILE A 19 -4.22 -4.12 16.19
C ILE A 19 -4.49 -2.69 16.68
N GLY A 20 -5.09 -2.54 17.86
CA GLY A 20 -5.24 -1.24 18.46
C GLY A 20 -6.67 -0.80 18.68
N GLY A 21 -7.58 -1.77 18.72
CA GLY A 21 -8.96 -1.48 19.04
C GLY A 21 -9.61 -0.43 18.16
N HIS A 22 -10.48 0.36 18.77
CA HIS A 22 -11.38 1.24 18.03
C HIS A 22 -10.67 2.20 17.11
N GLU A 23 -9.61 2.84 17.60
CA GLU A 23 -9.00 3.92 16.84
C GLU A 23 -8.15 3.39 15.69
N ALA A 24 -7.51 2.24 15.89
CA ALA A 24 -6.78 1.61 14.78
C ALA A 24 -7.72 1.34 13.61
N ILE A 25 -8.97 1.00 13.93
CA ILE A 25 -9.95 0.63 12.92
C ILE A 25 -10.53 1.85 12.18
N GLU A 26 -10.78 2.93 12.90
CA GLU A 26 -11.21 4.18 12.28
C GLU A 26 -10.19 4.61 11.22
N VAL A 27 -8.92 4.56 11.59
CA VAL A 27 -7.83 5.05 10.76
C VAL A 27 -7.71 4.21 9.49
N VAL A 28 -7.77 2.89 9.66
CA VAL A 28 -7.72 1.97 8.54
C VAL A 28 -8.87 2.25 7.60
N VAL A 29 -10.08 2.39 8.16
CA VAL A 29 -11.28 2.63 7.38
C VAL A 29 -11.27 3.95 6.58
N GLU A 30 -10.64 5.01 7.08
CA GLU A 30 -10.51 6.23 6.26
C GLU A 30 -9.65 5.99 5.04
N ASP A 31 -8.48 5.41 5.28
CA ASP A 31 -7.57 5.05 4.22
C ASP A 31 -8.23 4.11 3.23
N PHE A 32 -8.88 3.08 3.77
CA PHE A 32 -9.50 2.04 2.99
C PHE A 32 -10.37 2.67 1.90
N TYR A 33 -11.22 3.61 2.31
CA TYR A 33 -12.20 4.21 1.42
C TYR A 33 -11.60 5.28 0.53
N VAL A 34 -10.50 5.87 0.96
CA VAL A 34 -9.76 6.73 0.05
C VAL A 34 -9.23 5.85 -1.09
N ARG A 35 -8.84 4.61 -0.78
CA ARG A 35 -8.35 3.69 -1.78
C ARG A 35 -9.46 3.10 -2.65
N VAL A 36 -10.62 2.81 -2.06
CA VAL A 36 -11.75 2.28 -2.82
C VAL A 36 -12.33 3.34 -3.77
N LEU A 37 -12.49 4.54 -3.25
CA LEU A 37 -13.05 5.65 -4.01
C LEU A 37 -12.07 6.18 -5.06
N ALA A 38 -10.79 5.84 -4.91
CA ALA A 38 -9.74 6.22 -5.88
C ALA A 38 -9.63 5.23 -7.04
N ASP A 39 -10.31 4.09 -6.89
CA ASP A 39 -10.21 2.97 -7.83
C ASP A 39 -11.37 3.03 -8.82
N ASP A 40 -11.04 3.07 -10.10
CA ASP A 40 -12.05 3.29 -11.14
C ASP A 40 -12.95 2.07 -11.37
N GLN A 41 -12.55 0.90 -10.87
CA GLN A 41 -13.35 -0.31 -11.06
C GLN A 41 -14.44 -0.38 -10.01
N LEU A 42 -14.27 0.37 -8.93
CA LEU A 42 -15.21 0.29 -7.83
C LEU A 42 -15.96 1.59 -7.54
N SER A 43 -15.38 2.69 -7.97
CA SER A 43 -15.92 4.00 -7.64
C SER A 43 -17.46 4.01 -7.77
N ALA A 44 -17.92 3.87 -9.02
CA ALA A 44 -19.34 3.92 -9.38
C ALA A 44 -20.28 3.35 -8.32
N PHE A 45 -19.89 2.21 -7.75
CA PHE A 45 -20.69 1.53 -6.75
C PHE A 45 -21.14 2.48 -5.64
N PHE A 46 -20.29 3.42 -5.27
CA PHE A 46 -20.56 4.30 -4.13
C PHE A 46 -20.99 5.69 -4.58
N SER A 47 -21.56 5.76 -5.77
CA SER A 47 -22.06 7.01 -6.33
C SER A 47 -23.21 7.62 -5.51
N GLY A 48 -24.16 6.80 -5.12
CA GLY A 48 -25.32 7.29 -4.40
C GLY A 48 -25.25 7.01 -2.92
N THR A 49 -24.10 7.29 -2.33
CA THR A 49 -23.82 6.88 -0.95
C THR A 49 -23.30 8.01 -0.09
N ASN A 50 -23.89 8.10 1.09
CA ASN A 50 -23.38 8.97 2.13
C ASN A 50 -22.19 8.27 2.79
N MET A 51 -20.99 8.60 2.35
CA MET A 51 -19.76 7.93 2.77
C MET A 51 -19.50 8.02 4.29
N SER A 52 -19.67 9.22 4.84
CA SER A 52 -19.56 9.45 6.29
C SER A 52 -20.44 8.50 7.09
N ARG A 53 -21.65 8.29 6.60
CA ARG A 53 -22.56 7.33 7.22
C ARG A 53 -22.02 5.90 7.09
N LEU A 54 -21.44 5.57 5.93
CA LEU A 54 -20.93 4.23 5.65
C LEU A 54 -19.69 3.94 6.45
N LYS A 55 -18.72 4.83 6.37
CA LYS A 55 -17.52 4.72 7.17
C LYS A 55 -17.87 4.45 8.62
N GLY A 56 -18.91 5.13 9.11
CA GLY A 56 -19.38 4.94 10.48
C GLY A 56 -19.91 3.54 10.68
N LYS A 57 -20.78 3.12 9.77
CA LYS A 57 -21.32 1.77 9.78
C LYS A 57 -20.24 0.68 9.63
N GLN A 58 -19.16 0.99 8.91
CA GLN A 58 -18.15 -0.02 8.57
C GLN A 58 -17.14 -0.18 9.70
N VAL A 59 -16.84 0.92 10.37
CA VAL A 59 -16.03 0.89 11.58
C VAL A 59 -16.70 -0.01 12.62
N GLU A 60 -18.03 0.03 12.66
CA GLU A 60 -18.82 -0.77 13.58
C GLU A 60 -18.78 -2.24 13.21
N PHE A 61 -18.81 -2.53 11.92
CA PHE A 61 -18.90 -3.92 11.45
C PHE A 61 -17.58 -4.62 11.63
N PHE A 62 -16.51 -4.01 11.15
CA PHE A 62 -15.18 -4.58 11.28
C PHE A 62 -14.81 -4.68 12.74
N ALA A 63 -15.08 -3.64 13.50
CA ALA A 63 -14.79 -3.69 14.92
C ALA A 63 -15.48 -4.93 15.47
N ALA A 64 -16.78 -5.05 15.19
CA ALA A 64 -17.59 -6.14 15.72
C ALA A 64 -17.01 -7.46 15.26
N ALA A 65 -16.64 -7.52 14.00
CA ALA A 65 -16.14 -8.73 13.38
C ALA A 65 -14.80 -9.15 13.97
N LEU A 66 -14.03 -8.19 14.47
CA LEU A 66 -12.68 -8.47 14.93
C LEU A 66 -12.58 -8.64 16.46
N GLY A 67 -13.71 -8.56 17.15
CA GLY A 67 -13.77 -8.88 18.58
C GLY A 67 -14.12 -7.72 19.52
N GLY A 68 -14.38 -6.55 18.95
CA GLY A 68 -14.69 -5.37 19.75
C GLY A 68 -16.03 -5.48 20.44
N PRO A 69 -16.21 -4.68 21.49
CA PRO A 69 -17.44 -4.67 22.28
C PRO A 69 -18.52 -3.74 21.72
N GLU A 70 -18.23 -3.13 20.57
CA GLU A 70 -19.12 -2.13 20.01
C GLU A 70 -20.12 -2.79 19.08
N PRO A 71 -21.33 -2.25 19.04
CA PRO A 71 -22.42 -2.84 18.27
C PRO A 71 -22.49 -2.33 16.85
N TYR A 72 -22.85 -3.24 15.96
CA TYR A 72 -23.16 -2.93 14.58
C TYR A 72 -24.61 -2.47 14.53
N THR A 73 -24.84 -1.28 13.99
CA THR A 73 -26.20 -0.76 13.91
C THR A 73 -26.61 -0.58 12.43
N GLY A 74 -26.14 -1.51 11.61
CA GLY A 74 -26.40 -1.45 10.18
C GLY A 74 -27.28 -2.58 9.68
N ALA A 75 -27.45 -2.59 8.36
CA ALA A 75 -28.25 -3.59 7.68
C ALA A 75 -27.45 -4.88 7.54
N PRO A 76 -28.10 -6.01 7.34
CA PRO A 76 -27.38 -7.26 7.11
C PRO A 76 -26.62 -7.22 5.79
N MET A 77 -25.59 -8.05 5.70
CA MET A 77 -24.64 -8.01 4.60
C MET A 77 -25.25 -8.50 3.29
N LYS A 78 -26.01 -9.59 3.34
CA LYS A 78 -26.68 -10.14 2.14
C LYS A 78 -27.55 -9.07 1.50
N GLN A 79 -28.42 -8.47 2.31
CA GLN A 79 -29.43 -7.53 1.81
C GLN A 79 -28.84 -6.30 1.14
N VAL A 80 -27.95 -5.59 1.84
CA VAL A 80 -27.36 -4.36 1.32
C VAL A 80 -26.64 -4.57 -0.01
N HIS A 81 -26.04 -5.73 -0.20
CA HIS A 81 -25.19 -5.97 -1.37
C HIS A 81 -25.90 -6.72 -2.51
N GLN A 82 -26.99 -7.43 -2.19
CA GLN A 82 -27.78 -8.16 -3.19
C GLN A 82 -28.28 -7.25 -4.32
N GLY A 83 -27.97 -7.61 -5.56
CA GLY A 83 -28.50 -6.91 -6.72
C GLY A 83 -27.62 -5.76 -7.16
N ARG A 84 -26.51 -5.54 -6.47
CA ARG A 84 -25.64 -4.43 -6.81
C ARG A 84 -24.63 -4.85 -7.88
N GLY A 85 -24.78 -6.08 -8.37
CA GLY A 85 -23.91 -6.57 -9.42
C GLY A 85 -22.47 -6.67 -8.97
N ILE A 86 -22.27 -6.89 -7.68
CA ILE A 86 -20.92 -7.07 -7.15
C ILE A 86 -20.42 -8.50 -7.41
N THR A 87 -19.28 -8.61 -8.10
CA THR A 87 -18.71 -9.94 -8.35
C THR A 87 -17.50 -10.16 -7.48
N MET A 88 -16.99 -11.38 -7.57
CA MET A 88 -15.80 -11.80 -6.84
C MET A 88 -14.61 -10.95 -7.24
N HIS A 89 -14.47 -10.70 -8.53
CA HIS A 89 -13.47 -9.77 -9.02
C HIS A 89 -13.52 -8.50 -8.17
N HIS A 90 -14.73 -7.93 -8.04
CA HIS A 90 -14.93 -6.72 -7.23
C HIS A 90 -14.66 -6.94 -5.74
N PHE A 91 -15.11 -8.07 -5.21
CA PHE A 91 -14.90 -8.36 -3.80
C PHE A 91 -13.43 -8.35 -3.45
N SER A 92 -12.63 -8.95 -4.33
CA SER A 92 -11.20 -9.13 -4.15
C SER A 92 -10.41 -7.81 -4.21
N LEU A 93 -10.74 -6.96 -5.17
CA LEU A 93 -10.14 -5.63 -5.25
C LEU A 93 -10.38 -4.84 -3.98
N VAL A 94 -11.59 -4.98 -3.44
CA VAL A 94 -11.96 -4.33 -2.20
C VAL A 94 -11.13 -4.92 -1.07
N ALA A 95 -10.99 -6.24 -1.10
CA ALA A 95 -10.18 -6.96 -0.12
C ALA A 95 -8.71 -6.57 -0.27
N GLY A 96 -8.34 -6.01 -1.42
CA GLY A 96 -6.98 -5.56 -1.65
C GLY A 96 -6.70 -4.25 -0.92
N HIS A 97 -7.53 -3.25 -1.17
CA HIS A 97 -7.38 -1.97 -0.50
C HIS A 97 -7.44 -2.12 1.01
N LEU A 98 -8.34 -2.97 1.49
CA LEU A 98 -8.39 -3.29 2.92
C LEU A 98 -6.99 -3.68 3.40
N ALA A 99 -6.39 -4.64 2.70
CA ALA A 99 -5.07 -5.18 3.05
C ALA A 99 -3.96 -4.15 2.95
N ASP A 100 -4.00 -3.35 1.88
CA ASP A 100 -3.01 -2.30 1.66
C ASP A 100 -3.13 -1.31 2.78
N ALA A 101 -4.36 -1.04 3.17
CA ALA A 101 -4.65 -0.06 4.19
C ALA A 101 -4.14 -0.57 5.51
N LEU A 102 -4.34 -1.86 5.74
CA LEU A 102 -3.88 -2.49 6.98
C LEU A 102 -2.36 -2.50 7.02
N THR A 103 -1.75 -2.86 5.91
CA THR A 103 -0.29 -2.83 5.77
C THR A 103 0.27 -1.43 6.01
N ALA A 104 -0.35 -0.44 5.39
CA ALA A 104 0.09 0.93 5.49
C ALA A 104 -0.02 1.42 6.95
N ALA A 105 -0.97 0.88 7.70
CA ALA A 105 -1.10 1.15 9.13
C ALA A 105 -0.11 0.31 9.97
N GLY A 106 0.76 -0.42 9.30
CA GLY A 106 1.79 -1.19 9.96
C GLY A 106 1.31 -2.46 10.62
N VAL A 107 0.13 -2.93 10.26
CA VAL A 107 -0.39 -4.18 10.80
C VAL A 107 0.36 -5.35 10.17
N PRO A 108 0.98 -6.21 10.98
CA PRO A 108 1.71 -7.37 10.45
C PRO A 108 0.89 -8.23 9.46
N SER A 109 1.58 -8.81 8.50
CA SER A 109 0.90 -9.50 7.40
C SER A 109 0.20 -10.77 7.87
N GLU A 110 0.74 -11.39 8.91
CA GLU A 110 0.09 -12.61 9.41
C GLU A 110 -1.28 -12.22 9.94
N THR A 111 -1.39 -11.05 10.56
CA THR A 111 -2.67 -10.55 11.05
C THR A 111 -3.56 -9.98 9.93
N ILE A 112 -2.96 -9.36 8.93
CA ILE A 112 -3.74 -8.93 7.78
C ILE A 112 -4.39 -10.18 7.18
N THR A 113 -3.57 -11.21 6.94
CA THR A 113 -4.04 -12.47 6.36
C THR A 113 -5.13 -13.13 7.21
N GLU A 114 -5.07 -12.87 8.50
CA GLU A 114 -6.05 -13.39 9.46
C GLU A 114 -7.38 -12.62 9.35
N ILE A 115 -7.30 -11.32 9.15
CA ILE A 115 -8.49 -10.51 8.92
C ILE A 115 -9.17 -10.85 7.59
N LEU A 116 -8.37 -11.19 6.59
CA LEU A 116 -8.91 -11.46 5.27
C LEU A 116 -9.72 -12.73 5.33
N GLY A 117 -9.20 -13.69 6.09
CA GLY A 117 -9.85 -14.98 6.28
C GLY A 117 -11.06 -14.92 7.20
N VAL A 118 -11.30 -13.76 7.79
CA VAL A 118 -12.48 -13.55 8.61
C VAL A 118 -13.56 -12.87 7.77
N ILE A 119 -13.12 -12.09 6.79
CA ILE A 119 -14.00 -11.36 5.85
C ILE A 119 -14.40 -12.23 4.64
N ALA A 120 -13.48 -13.09 4.20
CA ALA A 120 -13.65 -13.85 2.97
C ALA A 120 -15.00 -14.55 2.90
N PRO A 121 -15.31 -15.33 3.93
CA PRO A 121 -16.59 -16.03 4.00
C PRO A 121 -17.78 -15.16 3.64
N LEU A 122 -17.73 -13.89 4.06
CA LEU A 122 -18.81 -12.94 3.84
C LEU A 122 -19.07 -12.66 2.36
N ALA A 123 -18.19 -13.15 1.50
CA ALA A 123 -18.31 -12.91 0.07
C ALA A 123 -19.57 -13.56 -0.42
N VAL A 124 -19.88 -14.73 0.13
CA VAL A 124 -21.05 -15.45 -0.29
C VAL A 124 -22.26 -14.52 -0.23
N ASP A 125 -22.28 -13.68 0.81
CA ASP A 125 -23.33 -12.69 0.97
C ASP A 125 -23.16 -11.41 0.14
N VAL A 126 -21.94 -11.13 -0.32
CA VAL A 126 -21.66 -9.88 -1.04
C VAL A 126 -21.78 -9.96 -2.57
N THR A 127 -21.41 -11.09 -3.16
CA THR A 127 -21.40 -11.23 -4.62
C THR A 127 -22.69 -11.81 -5.21
N SER A 128 -22.73 -11.79 -6.55
CA SER A 128 -23.81 -12.40 -7.33
C SER A 128 -23.22 -13.59 -8.11
N GLY A 129 -24.01 -14.64 -8.31
CA GLY A 129 -23.54 -15.84 -9.00
C GLY A 129 -24.62 -16.88 -9.23
N GLY B 2 15.61 5.26 15.97
CA GLY B 2 16.30 5.27 14.65
C GLY B 2 17.23 4.08 14.46
N LEU B 3 18.23 4.26 13.60
CA LEU B 3 19.22 3.23 13.29
C LEU B 3 19.89 2.64 14.54
N LEU B 4 20.13 3.50 15.52
CA LEU B 4 20.94 3.19 16.67
C LEU B 4 20.13 2.43 17.73
N SER B 5 18.82 2.54 17.65
CA SER B 5 17.95 1.86 18.59
C SER B 5 17.50 0.56 17.99
N ARG B 6 17.62 0.46 16.67
CA ARG B 6 17.37 -0.78 15.96
C ARG B 6 18.53 -1.75 16.19
N LEU B 7 19.72 -1.19 16.37
CA LEU B 7 20.93 -1.96 16.64
C LEU B 7 20.94 -2.50 18.08
N ARG B 8 20.51 -1.67 19.02
CA ARG B 8 20.36 -2.10 20.40
C ARG B 8 19.41 -3.28 20.46
N LYS B 9 18.36 -3.25 19.62
CA LYS B 9 17.31 -4.28 19.60
C LYS B 9 17.87 -5.60 19.07
N ARG B 10 19.01 -5.46 18.42
CA ARG B 10 19.81 -6.49 17.75
C ARG B 10 19.10 -6.93 16.51
N GLU B 11 18.69 -5.88 15.78
CA GLU B 11 18.06 -5.90 14.44
C GLU B 11 19.24 -5.85 13.49
N PRO B 12 19.10 -6.31 12.24
CA PRO B 12 20.20 -6.27 11.28
C PRO B 12 20.13 -4.97 10.51
N ILE B 13 21.28 -4.46 10.14
CA ILE B 13 21.35 -3.25 9.38
C ILE B 13 20.74 -3.48 8.00
N SER B 14 19.66 -2.75 7.65
CA SER B 14 19.05 -2.83 6.33
C SER B 14 19.82 -2.00 5.30
N ILE B 15 19.46 -2.11 4.03
CA ILE B 15 20.08 -1.28 3.00
C ILE B 15 19.76 0.16 3.34
N TYR B 16 18.49 0.43 3.58
CA TYR B 16 18.08 1.71 4.16
C TYR B 16 19.18 2.26 5.08
N ASP B 17 19.49 1.52 6.15
CA ASP B 17 20.50 1.97 7.12
C ASP B 17 21.83 2.23 6.44
N LYS B 18 22.27 1.31 5.60
CA LYS B 18 23.56 1.42 4.95
C LYS B 18 23.70 2.78 4.32
N ILE B 19 22.66 3.21 3.62
CA ILE B 19 22.82 4.31 2.69
C ILE B 19 22.48 5.69 3.24
N GLY B 20 22.05 5.77 4.49
CA GLY B 20 21.86 7.07 5.12
C GLY B 20 20.47 7.31 5.67
N GLY B 21 19.59 6.34 5.48
CA GLY B 21 18.27 6.44 6.05
C GLY B 21 17.36 7.21 5.13
N HIS B 22 16.33 7.80 5.72
CA HIS B 22 15.29 8.46 4.93
C HIS B 22 15.82 9.73 4.27
N GLU B 23 16.78 10.38 4.92
CA GLU B 23 17.30 11.64 4.42
C GLU B 23 18.10 11.42 3.13
N ALA B 24 18.93 10.39 3.12
CA ALA B 24 19.72 10.07 1.94
C ALA B 24 18.81 9.68 0.78
N ILE B 25 17.70 9.03 1.12
CA ILE B 25 16.78 8.54 0.12
C ILE B 25 16.02 9.72 -0.49
N GLU B 26 15.70 10.69 0.36
CA GLU B 26 15.03 11.91 -0.06
C GLU B 26 15.87 12.72 -1.03
N VAL B 27 17.19 12.74 -0.80
CA VAL B 27 18.11 13.47 -1.64
C VAL B 27 18.23 12.77 -2.97
N VAL B 28 18.36 11.46 -2.90
CA VAL B 28 18.61 10.68 -4.10
C VAL B 28 17.38 10.70 -5.00
N VAL B 29 16.20 10.57 -4.42
CA VAL B 29 14.93 10.54 -5.16
C VAL B 29 14.66 11.89 -5.79
N GLU B 30 15.07 12.95 -5.10
CA GLU B 30 14.95 14.29 -5.63
C GLU B 30 15.78 14.43 -6.88
N ASP B 31 16.97 13.84 -6.85
CA ASP B 31 17.88 13.96 -7.98
C ASP B 31 17.37 13.11 -9.12
N PHE B 32 17.04 11.86 -8.76
CA PHE B 32 16.50 10.84 -9.66
C PHE B 32 15.35 11.37 -10.55
N TYR B 33 14.54 12.26 -10.00
CA TYR B 33 13.40 12.78 -10.73
C TYR B 33 13.77 13.94 -11.66
N VAL B 34 14.89 14.58 -11.37
CA VAL B 34 15.49 15.52 -12.29
C VAL B 34 15.85 14.75 -13.55
N ARG B 35 16.38 13.55 -13.35
CA ARG B 35 16.93 12.79 -14.45
C ARG B 35 15.85 12.19 -15.33
N VAL B 36 14.76 11.77 -14.70
CA VAL B 36 13.64 11.19 -15.44
C VAL B 36 12.93 12.30 -16.20
N LEU B 37 12.70 13.42 -15.52
CA LEU B 37 11.90 14.50 -16.06
C LEU B 37 12.57 15.18 -17.25
N ALA B 38 13.85 14.91 -17.45
CA ALA B 38 14.57 15.46 -18.60
C ALA B 38 14.72 14.42 -19.70
N ASP B 39 14.47 13.15 -19.38
CA ASP B 39 14.51 12.07 -20.38
C ASP B 39 13.31 12.17 -21.33
N ASP B 40 13.57 12.57 -22.57
CA ASP B 40 12.50 12.74 -23.55
C ASP B 40 11.66 11.47 -23.73
N GLN B 41 12.16 10.33 -23.27
CA GLN B 41 11.43 9.08 -23.46
C GLN B 41 10.51 8.76 -22.29
N LEU B 42 10.55 9.61 -21.26
CA LEU B 42 9.85 9.31 -20.02
C LEU B 42 8.98 10.45 -19.49
N SER B 43 9.40 11.68 -19.75
CA SER B 43 8.85 12.86 -19.06
C SER B 43 7.33 13.00 -19.12
N ALA B 44 6.73 12.62 -20.24
CA ALA B 44 5.32 12.91 -20.53
C ALA B 44 4.39 12.09 -19.65
N PHE B 45 4.94 11.04 -19.06
CA PHE B 45 4.16 10.22 -18.18
C PHE B 45 3.79 11.03 -16.95
N PHE B 46 4.54 12.12 -16.73
CA PHE B 46 4.40 12.91 -15.50
C PHE B 46 3.75 14.27 -15.71
N SER B 47 3.25 14.52 -16.91
CA SER B 47 2.61 15.77 -17.28
C SER B 47 1.35 15.99 -16.45
N GLY B 48 1.36 16.99 -15.59
CA GLY B 48 0.22 17.28 -14.73
C GLY B 48 0.22 16.47 -13.44
N THR B 49 1.34 15.81 -13.19
CA THR B 49 1.54 15.01 -11.99
C THR B 49 1.99 15.88 -10.82
N ASN B 50 1.55 15.48 -9.63
CA ASN B 50 2.03 16.10 -8.42
C ASN B 50 3.38 15.50 -8.08
N MET B 51 4.43 16.18 -8.51
CA MET B 51 5.77 15.63 -8.32
C MET B 51 6.09 15.56 -6.83
N SER B 52 5.83 16.65 -6.12
CA SER B 52 6.03 16.70 -4.69
C SER B 52 5.54 15.40 -4.04
N ARG B 53 4.21 15.23 -4.05
CA ARG B 53 3.55 14.10 -3.42
C ARG B 53 4.20 12.80 -3.88
N LEU B 54 4.28 12.62 -5.20
CA LEU B 54 4.91 11.43 -5.78
C LEU B 54 6.29 11.19 -5.19
N LYS B 55 7.00 12.28 -4.92
CA LYS B 55 8.34 12.18 -4.37
C LYS B 55 8.29 11.47 -3.01
N GLY B 56 7.49 11.99 -2.08
CA GLY B 56 7.33 11.35 -0.78
C GLY B 56 6.86 9.90 -0.84
N LYS B 57 6.20 9.51 -1.93
CA LYS B 57 5.68 8.14 -2.15
C LYS B 57 6.76 7.19 -2.67
N GLN B 58 7.59 7.71 -3.57
CA GLN B 58 8.74 6.97 -4.03
C GLN B 58 9.71 6.75 -2.87
N VAL B 59 9.84 7.73 -1.98
CA VAL B 59 10.72 7.59 -0.81
C VAL B 59 10.17 6.50 0.13
N GLU B 60 8.92 6.68 0.55
CA GLU B 60 8.23 5.67 1.34
C GLU B 60 8.43 4.29 0.72
N PHE B 61 8.27 4.20 -0.59
CA PHE B 61 8.39 2.91 -1.27
C PHE B 61 9.80 2.36 -1.23
N PHE B 62 10.75 3.17 -1.70
CA PHE B 62 12.14 2.73 -1.78
C PHE B 62 12.56 2.31 -0.40
N ALA B 63 12.27 3.17 0.57
CA ALA B 63 12.61 2.96 1.96
C ALA B 63 12.01 1.67 2.54
N ALA B 64 10.77 1.36 2.19
CA ALA B 64 10.14 0.13 2.71
C ALA B 64 10.73 -1.06 2.00
N ALA B 65 11.04 -0.88 0.73
CA ALA B 65 11.70 -1.91 -0.07
C ALA B 65 13.12 -2.18 0.43
N LEU B 66 13.72 -1.20 1.12
CA LEU B 66 15.12 -1.30 1.56
C LEU B 66 15.26 -1.72 3.02
N GLY B 67 14.15 -2.00 3.67
CA GLY B 67 14.18 -2.54 5.01
C GLY B 67 13.80 -1.49 6.05
N GLY B 68 13.48 -0.29 5.59
CA GLY B 68 13.05 0.81 6.45
C GLY B 68 11.93 0.43 7.41
N PRO B 69 11.84 1.19 8.51
CA PRO B 69 10.89 0.91 9.60
C PRO B 69 9.48 1.45 9.40
N GLU B 70 9.29 2.37 8.47
CA GLU B 70 7.96 2.85 8.16
C GLU B 70 7.44 2.03 6.98
N PRO B 71 6.17 1.64 7.03
CA PRO B 71 5.53 1.03 5.86
C PRO B 71 5.22 2.00 4.73
N TYR B 72 5.10 1.44 3.53
CA TYR B 72 4.64 2.15 2.35
C TYR B 72 3.12 2.37 2.44
N THR B 73 2.70 3.62 2.28
CA THR B 73 1.30 3.97 2.25
C THR B 73 0.81 4.42 0.87
N GLY B 74 1.65 4.25 -0.15
CA GLY B 74 1.25 4.62 -1.50
C GLY B 74 0.27 3.63 -2.10
N ALA B 75 0.00 3.76 -3.39
CA ALA B 75 -0.75 2.74 -4.11
C ALA B 75 0.19 1.66 -4.59
N PRO B 76 -0.31 0.45 -4.75
CA PRO B 76 0.52 -0.69 -5.15
C PRO B 76 0.99 -0.51 -6.59
N MET B 77 2.11 -1.09 -6.93
CA MET B 77 2.75 -0.83 -8.20
C MET B 77 1.90 -1.08 -9.44
N LYS B 78 1.25 -2.23 -9.50
CA LYS B 78 0.47 -2.61 -10.69
C LYS B 78 -0.70 -1.66 -10.91
N GLN B 79 -1.44 -1.35 -9.85
CA GLN B 79 -2.58 -0.45 -9.98
C GLN B 79 -2.09 0.91 -10.47
N VAL B 80 -1.04 1.42 -9.82
CA VAL B 80 -0.48 2.72 -10.12
C VAL B 80 -0.07 2.89 -11.59
N HIS B 81 0.46 1.83 -12.20
CA HIS B 81 1.07 1.95 -13.52
C HIS B 81 0.24 1.27 -14.60
N GLN B 82 -0.86 0.66 -14.16
CA GLN B 82 -1.82 -0.01 -15.03
C GLN B 82 -2.40 0.91 -16.07
N GLY B 83 -2.43 0.45 -17.32
CA GLY B 83 -3.03 1.21 -18.40
C GLY B 83 -2.22 2.41 -18.87
N ARG B 84 -0.92 2.42 -18.60
CA ARG B 84 -0.06 3.52 -19.06
C ARG B 84 0.85 3.12 -20.22
N GLY B 85 0.79 1.86 -20.60
CA GLY B 85 1.55 1.38 -21.74
C GLY B 85 3.03 1.38 -21.48
N ILE B 86 3.43 1.29 -20.21
CA ILE B 86 4.85 1.34 -19.85
C ILE B 86 5.63 0.07 -20.24
N THR B 87 6.69 0.25 -21.02
CA THR B 87 7.46 -0.88 -21.52
C THR B 87 8.69 -1.20 -20.66
N MET B 88 9.26 -2.38 -20.90
CA MET B 88 10.53 -2.79 -20.29
C MET B 88 11.65 -1.82 -20.68
N HIS B 89 11.39 -1.04 -21.73
CA HIS B 89 12.34 -0.02 -22.17
C HIS B 89 12.34 1.16 -21.23
N HIS B 90 11.16 1.60 -20.80
CA HIS B 90 11.04 2.73 -19.87
C HIS B 90 11.55 2.32 -18.52
N PHE B 91 11.10 1.15 -18.05
CA PHE B 91 11.53 0.63 -16.76
C PHE B 91 13.04 0.77 -16.70
N SER B 92 13.70 0.25 -17.75
CA SER B 92 15.17 0.25 -17.85
C SER B 92 15.78 1.64 -17.75
N LEU B 93 15.25 2.60 -18.50
CA LEU B 93 15.72 3.97 -18.38
C LEU B 93 15.60 4.41 -16.93
N VAL B 94 14.40 4.29 -16.38
CA VAL B 94 14.13 4.69 -15.01
C VAL B 94 15.13 4.05 -14.07
N ALA B 95 15.38 2.76 -14.25
CA ALA B 95 16.38 2.07 -13.49
C ALA B 95 17.72 2.79 -13.65
N GLY B 96 18.24 2.77 -14.86
CA GLY B 96 19.43 3.52 -15.21
C GLY B 96 19.58 4.81 -14.44
N HIS B 97 18.51 5.58 -14.35
CA HIS B 97 18.60 6.90 -13.72
C HIS B 97 18.70 6.79 -12.20
N LEU B 98 17.91 5.91 -11.59
CA LEU B 98 18.12 5.59 -10.18
C LEU B 98 19.63 5.29 -9.99
N ALA B 99 20.13 4.28 -10.72
CA ALA B 99 21.53 3.88 -10.63
C ALA B 99 22.51 5.05 -10.73
N ASP B 100 22.34 5.88 -11.76
CA ASP B 100 23.18 7.05 -11.94
C ASP B 100 23.04 8.03 -10.76
N ALA B 101 21.85 8.08 -10.16
CA ALA B 101 21.56 9.07 -9.12
C ALA B 101 22.15 8.67 -7.79
N LEU B 102 22.19 7.35 -7.56
CA LEU B 102 22.77 6.76 -6.38
C LEU B 102 24.28 6.91 -6.49
N THR B 103 24.79 6.75 -7.70
CA THR B 103 26.21 6.96 -7.95
C THR B 103 26.60 8.38 -7.48
N ALA B 104 26.02 9.39 -8.11
CA ALA B 104 26.23 10.77 -7.69
C ALA B 104 26.01 11.05 -6.18
N ALA B 105 25.44 10.09 -5.45
CA ALA B 105 25.19 10.32 -4.04
C ALA B 105 26.31 9.74 -3.18
N GLY B 106 27.15 8.93 -3.82
CA GLY B 106 28.28 8.33 -3.16
C GLY B 106 28.05 6.89 -2.73
N VAL B 107 26.93 6.30 -3.14
CA VAL B 107 26.66 4.92 -2.75
C VAL B 107 27.66 4.01 -3.47
N PRO B 108 28.26 3.12 -2.68
CA PRO B 108 29.14 2.08 -3.20
C PRO B 108 28.45 1.28 -4.28
N SER B 109 29.08 1.17 -5.44
CA SER B 109 28.46 0.55 -6.61
C SER B 109 27.83 -0.80 -6.29
N GLU B 110 28.39 -1.49 -5.31
CA GLU B 110 27.90 -2.82 -4.93
C GLU B 110 26.54 -2.73 -4.25
N THR B 111 26.35 -1.71 -3.44
CA THR B 111 25.07 -1.46 -2.80
C THR B 111 24.03 -0.95 -3.78
N ILE B 112 24.46 -0.15 -4.75
CA ILE B 112 23.57 0.21 -5.86
C ILE B 112 23.02 -1.06 -6.51
N THR B 113 23.92 -1.98 -6.81
CA THR B 113 23.51 -3.25 -7.40
C THR B 113 22.53 -3.98 -6.49
N GLU B 114 22.73 -3.87 -5.18
CA GLU B 114 21.83 -4.53 -4.22
C GLU B 114 20.44 -3.95 -4.31
N ILE B 115 20.37 -2.62 -4.44
CA ILE B 115 19.09 -1.90 -4.52
C ILE B 115 18.34 -2.29 -5.80
N LEU B 116 19.03 -2.22 -6.94
CA LEU B 116 18.43 -2.56 -8.22
C LEU B 116 17.90 -4.00 -8.20
N GLY B 117 18.50 -4.84 -7.37
CA GLY B 117 18.08 -6.22 -7.25
C GLY B 117 16.70 -6.38 -6.63
N VAL B 118 16.41 -5.59 -5.59
CA VAL B 118 15.14 -5.65 -4.87
C VAL B 118 14.03 -4.95 -5.63
N ILE B 119 14.41 -3.96 -6.41
CA ILE B 119 13.43 -3.12 -7.07
C ILE B 119 13.10 -3.71 -8.44
N ALA B 120 14.06 -4.42 -9.02
CA ALA B 120 13.94 -4.94 -10.36
C ALA B 120 12.81 -5.95 -10.57
N PRO B 121 12.45 -6.69 -9.52
CA PRO B 121 11.36 -7.67 -9.61
C PRO B 121 10.01 -7.00 -9.47
N LEU B 122 9.93 -5.77 -9.97
CA LEU B 122 8.71 -4.98 -9.92
C LEU B 122 8.33 -4.44 -11.28
N ALA B 123 9.16 -4.68 -12.29
CA ALA B 123 8.77 -4.37 -13.67
C ALA B 123 7.60 -5.29 -14.05
N VAL B 124 7.34 -6.25 -13.17
CA VAL B 124 6.27 -7.20 -13.36
C VAL B 124 4.96 -6.51 -13.02
N ASP B 125 5.02 -5.59 -12.07
CA ASP B 125 3.85 -4.81 -11.74
C ASP B 125 3.81 -3.58 -12.65
N VAL B 126 4.96 -2.94 -12.87
CA VAL B 126 5.02 -1.65 -13.56
C VAL B 126 4.77 -1.73 -15.08
N THR B 127 4.97 -2.92 -15.65
CA THR B 127 5.04 -3.07 -17.09
C THR B 127 3.79 -3.68 -17.68
N SER B 128 3.44 -3.21 -18.88
CA SER B 128 2.28 -3.69 -19.62
C SER B 128 2.70 -4.35 -20.93
N GLY B 129 3.57 -3.68 -21.66
CA GLY B 129 4.08 -4.16 -22.94
C GLY B 129 5.45 -4.81 -22.83
N GLU B 130 5.76 -5.66 -23.80
CA GLU B 130 6.98 -6.45 -23.78
C GLU B 130 8.24 -5.66 -24.16
N SER B 131 8.13 -4.83 -25.20
CA SER B 131 9.29 -4.22 -25.86
C SER B 131 10.20 -3.34 -24.99
N THR B 132 11.50 -3.39 -25.32
CA THR B 132 12.53 -2.64 -24.61
C THR B 132 13.30 -1.76 -25.59
N THR B 133 12.84 -1.77 -26.85
CA THR B 133 13.59 -1.20 -27.96
C THR B 133 13.30 0.30 -28.18
N ALA B 134 14.29 1.14 -27.90
CA ALA B 134 14.16 2.59 -28.04
C ALA B 134 13.84 3.05 -29.47
N PRO B 135 13.01 4.09 -29.61
CA PRO B 135 12.70 4.71 -30.91
C PRO B 135 13.65 5.86 -31.27
N VAL B 136 13.29 6.63 -32.30
CA VAL B 136 14.10 7.78 -32.71
C VAL B 136 13.38 9.11 -32.50
C CYN C . -17.47 -1.47 1.81
N CYN C . -18.37 -0.73 1.82
K K D . -29.53 -4.26 -2.12
FE HEC E . -20.04 -3.17 1.39
CHA HEC E . -22.60 -1.01 2.43
CHB HEC E . -19.51 -3.93 4.70
CHC HEC E . -17.94 -5.61 0.44
CHD HEC E . -20.44 -2.10 -1.83
NA HEC E . -20.94 -2.62 3.21
C1A HEC E . -21.91 -1.67 3.41
C2A HEC E . -22.07 -1.49 4.84
C3A HEC E . -21.22 -2.31 5.46
C4A HEC E . -20.48 -3.01 4.45
CMA HEC E . -21.00 -2.48 6.98
CAA HEC E . -23.06 -0.54 5.53
CBA HEC E . -24.47 -1.09 5.33
CGA HEC E . -25.52 -0.16 5.91
O1A HEC E . -26.27 -0.61 6.80
O2A HEC E . -25.63 1.03 5.48
NB HEC E . -18.94 -4.49 2.37
C1B HEC E . -18.86 -4.66 3.73
C2B HEC E . -17.99 -5.78 4.02
C3B HEC E . -17.56 -6.26 2.86
C4B HEC E . -18.14 -5.47 1.80
CMB HEC E . -17.68 -6.25 5.45
CAB HEC E . -16.60 -7.44 2.63
CBB HEC E . -16.66 -8.50 3.42
NC HEC E . -19.38 -3.78 -0.35
C1C HEC E . -18.41 -4.76 -0.53
C2C HEC E . -17.99 -4.70 -1.92
C3C HEC E . -18.68 -3.73 -2.53
C4C HEC E . -19.56 -3.13 -1.57
CMC HEC E . -16.92 -5.62 -2.55
CAC HEC E . -18.63 -3.28 -4.00
CBC HEC E . -17.51 -2.82 -4.54
ND HEC E . -21.40 -1.81 0.45
C1D HEC E . -21.21 -1.43 -0.88
C2D HEC E . -21.93 -0.21 -1.13
C3D HEC E . -22.61 0.15 0.20
C4D HEC E . -22.21 -0.90 1.12
CMD HEC E . -21.99 0.56 -2.46
CAD HEC E . -23.49 1.39 0.49
CBD HEC E . -24.86 1.26 -0.13
CGD HEC E . -25.70 2.45 0.30
O1D HEC E . -26.76 2.22 0.95
O2D HEC E . -25.27 3.61 0.00
XE XE F . -10.15 -3.32 9.91
XE XE G . -14.35 -4.75 3.52
XE XE H . -12.67 -1.90 6.42
XE XE I . -9.01 -14.52 1.92
C CYN J . 7.91 6.38 -11.02
N CYN J . 7.42 7.30 -10.50
P PO4 K . 16.22 6.99 10.54
O1 PO4 K . 15.54 5.65 10.61
O2 PO4 K . 16.86 7.19 9.18
O3 PO4 K . 15.19 8.05 10.82
O4 PO4 K . 17.32 7.02 11.59
CHA HEM L . 3.42 6.62 -9.67
CHB HEM L . 7.03 3.75 -8.04
CHC HEM L . 8.69 2.70 -12.47
CHD HEM L . 5.68 6.22 -14.02
C1A HEM L . 4.27 5.94 -8.82
C2A HEM L . 4.25 5.94 -7.38
C3A HEM L . 5.26 5.17 -6.95
C4A HEM L . 5.94 4.61 -8.10
CMA HEM L . 5.63 4.88 -5.49
CAA HEM L . 3.27 6.72 -6.49
CBA HEM L . 1.97 5.92 -6.38
CGA HEM L . 1.01 6.56 -5.43
O1A HEM L . 0.35 5.83 -4.66
O2A HEM L . 0.89 7.81 -5.41
C1B HEM L . 7.73 3.17 -9.09
C2B HEM L . 8.72 2.10 -8.97
C3B HEM L . 9.19 1.82 -10.18
C4B HEM L . 8.51 2.67 -11.12
CMB HEM L . 9.19 1.40 -7.68
CAB HEM L . 10.24 0.74 -10.49
CBB HEM L . 11.20 0.96 -11.39
C1C HEM L . 8.02 3.58 -13.29
C2C HEM L . 8.19 3.69 -14.71
C3C HEM L . 7.37 4.65 -15.12
C4C HEM L . 6.64 5.20 -13.99
CMC HEM L . 9.14 2.85 -15.58
CAC HEM L . 7.25 5.09 -16.58
CBC HEM L . 7.50 6.37 -16.85
C1D HEM L . 4.79 6.60 -13.04
C2D HEM L . 3.69 7.51 -13.25
C3D HEM L . 2.97 7.67 -11.90
C4D HEM L . 3.70 6.81 -11.00
CMD HEM L . 3.33 8.20 -14.56
CAD HEM L . 1.73 8.52 -11.60
CBD HEM L . 2.06 9.95 -11.13
CGD HEM L . 0.79 10.61 -10.61
O1D HEM L . 0.88 11.75 -10.06
O2D HEM L . -0.30 10.00 -10.71
NA HEM L . 5.31 5.11 -9.23
NB HEM L . 7.64 3.50 -10.44
NC HEM L . 7.08 4.50 -12.87
ND HEM L . 4.76 6.21 -11.70
FE HEM L . 6.19 4.85 -11.01
XE XE M . 17.05 4.75 -3.07
XE XE N . 12.32 3.72 -9.54
XE XE O . 15.01 -1.54 -10.65
XE XE P . 18.09 -5.51 -11.70
#